data_3KDF
#
_entry.id   3KDF
#
_cell.length_a   66.680
_cell.length_b   77.700
_cell.length_c   121.300
_cell.angle_alpha   90.000
_cell.angle_beta   90.000
_cell.angle_gamma   90.000
#
_symmetry.space_group_name_H-M   'P 21 21 21'
#
loop_
_entity.id
_entity.type
_entity.pdbx_description
1 polymer 'Replication protein A 14 kDa subunit'
2 polymer 'Replication protein A 32 kDa subunit'
3 non-polymer 1,2-ETHANEDIOL
4 water water
#
loop_
_entity_poly.entity_id
_entity_poly.type
_entity_poly.pdbx_seq_one_letter_code
_entity_poly.pdbx_strand_id
1 'polypeptide(L)'
;SVD(MSE)(MSE)DLPRSRINAG(MSE)LAQFIDKPVCFVGRLEKIHPTGK(MSE)FILSDGEGKNGTIEL(MSE)EPLD
EEISGIVEVVGRVTAKATILCTSYVQFKEDSHPFDLGLYNEAVKIIHDFPQFYPLGIVQHD
;
A,C
2 'polypeptide(L)'
;SRAQHIVPCTISQLLSATLVDEVFRIGNVEISQVTIVGIIRHAEKAPTNIVYKIDD(MSE)TAAP(MSE)DVRQWVDTDD
TSSENTVVPPETYVKVAGHLRSFQNKKSLVAFKI(MSE)PLED(MSE)NEFTTHILEVINAH(MSE)VLSKA
;
D,B
#
# COMPACT_ATOMS: atom_id res chain seq x y z
N VAL A 2 -13.70 28.07 14.23
CA VAL A 2 -12.60 28.71 14.94
C VAL A 2 -11.71 27.72 15.62
N ASP A 3 -12.29 26.73 16.30
CA ASP A 3 -11.45 25.67 16.79
C ASP A 3 -11.22 24.64 15.71
N ASP A 6 -10.79 20.56 16.23
N ASP A 6 -10.86 20.55 16.26
CA ASP A 6 -12.07 19.86 16.21
CA ASP A 6 -12.18 19.91 16.18
C ASP A 6 -12.65 19.46 14.84
C ASP A 6 -12.69 19.49 14.81
N LEU A 7 -11.89 19.68 13.79
CA LEU A 7 -12.21 19.23 12.46
C LEU A 7 -11.06 18.41 11.95
N PRO A 8 -11.30 17.65 10.91
CA PRO A 8 -10.19 16.98 10.23
C PRO A 8 -9.30 18.02 9.58
N ARG A 9 -7.98 17.82 9.64
CA ARG A 9 -7.05 18.66 8.90
C ARG A 9 -6.31 17.73 7.94
N SER A 10 -6.31 18.07 6.66
CA SER A 10 -5.74 17.19 5.62
C SER A 10 -4.23 17.32 5.58
N ARG A 11 -3.52 16.19 5.59
CA ARG A 11 -2.07 16.24 5.42
C ARG A 11 -1.76 16.45 3.96
N ILE A 12 -1.04 17.52 3.63
CA ILE A 12 -0.80 17.85 2.24
C ILE A 12 0.66 18.17 2.01
N ASN A 13 1.03 18.36 0.75
CA ASN A 13 2.32 18.93 0.40
C ASN A 13 2.09 20.21 -0.41
N ALA A 14 3.17 20.88 -0.81
CA ALA A 14 3.01 22.21 -1.41
C ALA A 14 2.20 22.17 -2.70
N GLY A 15 2.33 21.09 -3.46
CA GLY A 15 1.59 20.95 -4.71
C GLY A 15 0.08 20.88 -4.57
N LEU A 17 -1.64 22.82 -2.26
CA LEU A 17 -2.13 24.04 -1.61
C LEU A 17 -3.25 24.68 -2.41
N ALA A 18 -3.04 24.79 -3.71
CA ALA A 18 -3.99 25.47 -4.57
C ALA A 18 -5.32 24.73 -4.60
N GLN A 19 -5.29 23.44 -4.30
N GLN A 19 -5.28 23.43 -4.34
CA GLN A 19 -6.50 22.63 -4.34
CA GLN A 19 -6.51 22.64 -4.34
C GLN A 19 -7.22 22.63 -3.00
C GLN A 19 -7.22 22.63 -2.99
N PHE A 20 -6.62 23.24 -1.99
CA PHE A 20 -7.16 23.21 -0.63
C PHE A 20 -7.44 24.61 -0.07
N ILE A 21 -7.65 25.59 -0.94
CA ILE A 21 -8.00 26.94 -0.51
C ILE A 21 -9.13 26.96 0.52
N ASP A 22 -8.88 27.64 1.63
CA ASP A 22 -9.84 27.82 2.72
C ASP A 22 -10.09 26.57 3.55
N LYS A 23 -9.25 25.55 3.38
CA LYS A 23 -9.44 24.31 4.11
C LYS A 23 -8.44 24.13 5.24
N PRO A 24 -8.82 23.39 6.28
CA PRO A 24 -7.90 23.10 7.36
C PRO A 24 -6.89 22.07 6.87
N VAL A 25 -5.62 22.30 7.13
CA VAL A 25 -4.59 21.39 6.64
C VAL A 25 -3.53 21.19 7.70
N CYS A 26 -2.75 20.14 7.52
CA CYS A 26 -1.55 19.88 8.29
C CYS A 26 -0.38 19.76 7.29
N PHE A 27 0.60 20.66 7.39
CA PHE A 27 1.71 20.71 6.44
C PHE A 27 3.03 20.44 7.17
N VAL A 28 3.67 19.32 6.85
CA VAL A 28 4.97 18.99 7.44
C VAL A 28 6.07 19.33 6.42
N GLY A 29 7.12 20.00 6.87
CA GLY A 29 8.21 20.38 5.98
C GLY A 29 9.48 20.82 6.68
N ARG A 30 10.52 21.05 5.91
N ARG A 30 10.52 21.05 5.91
CA ARG A 30 11.79 21.54 6.47
CA ARG A 30 11.79 21.54 6.47
C ARG A 30 11.86 23.06 6.47
C ARG A 30 11.86 23.06 6.47
N LEU A 31 12.27 23.62 7.60
CA LEU A 31 12.41 25.07 7.73
C LEU A 31 13.49 25.56 6.77
N GLU A 32 13.11 26.43 5.85
CA GLU A 32 14.03 26.95 4.85
C GLU A 32 14.44 28.38 5.16
N LYS A 33 13.50 29.17 5.66
CA LYS A 33 13.75 30.60 5.81
C LYS A 33 12.76 31.21 6.78
N ILE A 34 13.24 32.13 7.61
CA ILE A 34 12.37 32.91 8.48
C ILE A 34 12.30 34.37 8.01
N HIS A 35 11.08 34.89 7.90
CA HIS A 35 10.91 36.28 7.50
C HIS A 35 11.51 37.20 8.58
N PRO A 36 12.11 38.33 8.16
CA PRO A 36 12.82 39.21 9.09
C PRO A 36 11.96 39.70 10.24
N THR A 37 10.64 39.81 10.04
CA THR A 37 9.73 40.14 11.13
C THR A 37 9.48 38.96 12.06
N GLY A 38 9.88 37.77 11.66
CA GLY A 38 9.61 36.59 12.44
C GLY A 38 8.13 36.22 12.48
N LYS A 39 7.34 36.81 11.58
CA LYS A 39 5.91 36.53 11.55
C LYS A 39 5.48 35.62 10.39
N PHE A 41 7.31 32.03 8.02
CA PHE A 41 8.44 31.22 7.59
C PHE A 41 8.09 30.32 6.40
N ILE A 42 9.12 29.82 5.73
CA ILE A 42 8.96 28.94 4.55
C ILE A 42 9.36 27.51 4.90
N LEU A 43 8.48 26.57 4.60
CA LEU A 43 8.80 25.15 4.73
C LEU A 43 8.89 24.51 3.35
N SER A 44 9.84 23.60 3.19
CA SER A 44 9.94 22.82 1.96
C SER A 44 9.41 21.43 2.25
N ASP A 45 8.55 20.93 1.38
CA ASP A 45 8.00 19.60 1.59
C ASP A 45 8.96 18.51 1.15
N GLY A 46 8.51 17.26 1.19
CA GLY A 46 9.35 16.12 0.90
C GLY A 46 9.76 15.97 -0.54
N GLU A 47 9.18 16.78 -1.43
CA GLU A 47 9.67 16.83 -2.80
C GLU A 47 10.30 18.19 -3.15
N GLY A 48 10.80 18.89 -2.14
CA GLY A 48 11.55 20.12 -2.32
C GLY A 48 10.75 21.32 -2.77
N LYS A 49 9.43 21.30 -2.53
CA LYS A 49 8.59 22.43 -2.89
C LYS A 49 8.15 23.22 -1.67
N ASN A 50 8.09 24.55 -1.80
CA ASN A 50 7.87 25.44 -0.66
C ASN A 50 6.41 25.83 -0.40
N GLY A 51 6.06 25.88 0.88
CA GLY A 51 4.79 26.44 1.31
C GLY A 51 5.10 27.60 2.26
N THR A 52 4.34 28.67 2.17
CA THR A 52 4.54 29.84 3.00
C THR A 52 3.62 29.83 4.21
N ILE A 53 4.20 29.93 5.40
CA ILE A 53 3.45 29.85 6.64
C ILE A 53 3.40 31.23 7.30
N GLU A 54 2.20 31.79 7.39
CA GLU A 54 1.98 33.09 8.00
C GLU A 54 1.59 32.86 9.45
N LEU A 55 2.22 33.56 10.37
CA LEU A 55 1.88 33.38 11.78
C LEU A 55 1.05 34.55 12.26
N GLU A 57 1.28 35.51 15.53
CA GLU A 57 2.21 36.16 16.45
C GLU A 57 3.63 35.82 16.03
N PRO A 58 4.57 36.75 16.24
CA PRO A 58 5.97 36.50 15.89
C PRO A 58 6.54 35.31 16.63
N LEU A 59 7.45 34.59 15.99
CA LEU A 59 8.20 33.53 16.65
C LEU A 59 8.87 34.11 17.91
N ASP A 60 8.96 33.28 18.95
CA ASP A 60 9.69 33.63 20.16
C ASP A 60 11.13 33.16 20.09
N GLU A 61 11.33 31.92 19.61
CA GLU A 61 12.65 31.35 19.45
C GLU A 61 12.85 30.96 17.99
N GLU A 62 14.11 30.72 17.63
CA GLU A 62 14.37 30.21 16.30
C GLU A 62 13.69 28.85 16.17
N ILE A 63 13.22 28.53 14.98
CA ILE A 63 12.83 27.16 14.71
C ILE A 63 13.67 26.70 13.54
N SER A 64 13.89 25.40 13.46
CA SER A 64 14.74 24.80 12.45
C SER A 64 14.33 23.36 12.24
N GLY A 65 14.87 22.74 11.19
CA GLY A 65 14.64 21.33 10.96
C GLY A 65 13.22 21.07 10.48
N ILE A 66 12.64 19.94 10.91
CA ILE A 66 11.31 19.52 10.46
C ILE A 66 10.21 20.09 11.34
N VAL A 67 9.24 20.74 10.71
CA VAL A 67 8.19 21.43 11.43
C VAL A 67 6.82 20.94 10.93
N GLU A 68 5.89 20.71 11.86
CA GLU A 68 4.53 20.36 11.49
C GLU A 68 3.62 21.55 11.77
N VAL A 69 2.97 22.06 10.73
CA VAL A 69 2.11 23.23 10.85
C VAL A 69 0.66 22.81 10.67
N VAL A 70 -0.21 23.29 11.55
CA VAL A 70 -1.65 23.16 11.37
C VAL A 70 -2.19 24.58 11.10
N GLY A 71 -3.06 24.72 10.11
CA GLY A 71 -3.65 26.03 9.83
C GLY A 71 -4.71 25.94 8.75
N ARG A 72 -5.16 27.09 8.26
CA ARG A 72 -6.13 27.12 7.17
C ARG A 72 -5.44 27.72 5.95
N VAL A 73 -5.69 27.15 4.79
CA VAL A 73 -5.08 27.66 3.58
C VAL A 73 -5.78 28.96 3.20
N THR A 74 -5.01 30.00 2.89
CA THR A 74 -5.57 31.32 2.56
C THR A 74 -5.90 31.41 1.08
N ALA A 75 -6.60 32.49 0.70
CA ALA A 75 -6.86 32.77 -0.71
C ALA A 75 -5.57 32.89 -1.54
N LYS A 76 -4.45 33.18 -0.90
CA LYS A 76 -3.16 33.26 -1.60
C LYS A 76 -2.43 31.93 -1.67
N ALA A 77 -3.08 30.85 -1.21
CA ALA A 77 -2.43 29.54 -1.15
C ALA A 77 -1.21 29.53 -0.23
N THR A 78 -1.28 30.34 0.82
CA THR A 78 -0.34 30.22 1.92
C THR A 78 -1.13 29.59 3.06
N ILE A 79 -0.45 29.28 4.15
CA ILE A 79 -1.16 28.76 5.32
C ILE A 79 -1.17 29.79 6.44
N LEU A 80 -2.34 30.15 6.93
CA LEU A 80 -2.42 30.92 8.17
C LEU A 80 -2.38 29.95 9.33
N CYS A 81 -1.24 29.93 10.02
CA CYS A 81 -0.95 28.91 11.01
C CYS A 81 -1.67 29.12 12.35
N THR A 82 -2.31 28.07 12.86
CA THR A 82 -2.85 28.11 14.23
C THR A 82 -1.94 27.45 15.26
N SER A 83 -1.12 26.49 14.84
CA SER A 83 -0.12 25.93 15.75
C SER A 83 0.95 25.23 14.97
N TYR A 84 2.13 25.15 15.55
CA TYR A 84 3.22 24.39 14.96
C TYR A 84 4.05 23.73 16.05
N VAL A 85 4.69 22.61 15.69
CA VAL A 85 5.63 21.93 16.57
C VAL A 85 6.88 21.44 15.79
N GLN A 86 8.04 21.56 16.38
CA GLN A 86 9.24 20.99 15.82
C GLN A 86 9.24 19.50 16.09
N PHE A 87 9.54 18.72 15.09
CA PHE A 87 9.62 17.29 15.25
C PHE A 87 10.93 16.97 15.94
N LYS A 88 10.90 16.11 16.93
CA LYS A 88 12.12 15.67 17.56
C LYS A 88 12.89 14.78 16.64
N GLU A 89 14.17 15.03 16.54
CA GLU A 89 15.03 14.31 15.66
C GLU A 89 16.34 14.00 16.33
N ASP A 90 16.37 14.01 17.65
CA ASP A 90 17.60 13.82 18.36
C ASP A 90 18.08 12.36 18.34
N SER A 91 17.15 11.42 18.27
CA SER A 91 17.51 10.01 18.15
C SER A 91 17.70 9.55 16.69
N HIS A 92 16.77 9.96 15.83
CA HIS A 92 16.74 9.53 14.43
C HIS A 92 16.36 10.69 13.52
N PRO A 93 17.02 10.79 12.36
CA PRO A 93 16.64 11.85 11.42
C PRO A 93 15.30 11.51 10.80
N PHE A 94 14.42 12.49 10.69
CA PHE A 94 13.12 12.27 10.07
C PHE A 94 13.25 12.20 8.56
N ASP A 95 12.65 11.17 7.97
CA ASP A 95 12.71 10.98 6.53
C ASP A 95 11.54 11.66 5.86
N LEU A 96 11.78 12.87 5.38
CA LEU A 96 10.75 13.71 4.80
C LEU A 96 10.28 13.19 3.44
N GLY A 97 11.17 12.53 2.70
CA GLY A 97 10.80 11.95 1.42
C GLY A 97 9.82 10.81 1.60
N LEU A 98 10.07 9.97 2.60
CA LEU A 98 9.13 8.89 2.93
C LEU A 98 7.79 9.49 3.38
N TYR A 99 7.84 10.48 4.26
CA TYR A 99 6.61 11.17 4.66
C TYR A 99 5.82 11.67 3.44
N ASN A 100 6.50 12.31 2.49
CA ASN A 100 5.81 12.76 1.27
C ASN A 100 5.16 11.60 0.51
N GLU A 101 5.80 10.44 0.53
CA GLU A 101 5.18 9.25 -0.09
C GLU A 101 3.90 8.91 0.64
N ALA A 102 3.94 8.98 1.97
CA ALA A 102 2.73 8.71 2.76
C ALA A 102 1.59 9.69 2.47
N VAL A 103 1.91 10.96 2.25
CA VAL A 103 0.90 11.98 1.87
C VAL A 103 0.25 11.62 0.53
N LYS A 104 1.06 11.19 -0.44
CA LYS A 104 0.51 10.79 -1.74
C LYS A 104 -0.42 9.58 -1.58
N ILE A 105 -0.03 8.62 -0.77
CA ILE A 105 -0.80 7.43 -0.54
C ILE A 105 -2.15 7.70 0.16
N ILE A 106 -2.12 8.57 1.15
CA ILE A 106 -3.31 9.06 1.82
C ILE A 106 -4.32 9.55 0.81
N HIS A 107 -3.88 10.30 -0.16
CA HIS A 107 -4.77 10.88 -1.11
C HIS A 107 -5.11 9.95 -2.26
N ASP A 108 -4.32 8.92 -2.45
CA ASP A 108 -4.60 7.85 -3.37
C ASP A 108 -5.65 6.88 -2.84
N PHE A 109 -5.71 6.71 -1.54
CA PHE A 109 -6.64 5.75 -0.92
C PHE A 109 -7.52 6.36 0.15
N PRO A 110 -8.32 7.35 -0.23
CA PRO A 110 -9.19 8.03 0.74
C PRO A 110 -10.08 7.03 1.50
N GLN A 111 -10.49 5.97 0.86
CA GLN A 111 -11.32 5.00 1.51
C GLN A 111 -10.65 4.30 2.67
N PHE A 112 -9.33 4.35 2.76
CA PHE A 112 -8.61 3.70 3.81
C PHE A 112 -7.92 4.67 4.76
N TYR A 113 -8.10 5.95 4.53
CA TYR A 113 -7.60 6.97 5.41
C TYR A 113 -8.58 8.13 5.39
N PRO A 114 -9.70 7.93 6.04
CA PRO A 114 -10.81 8.84 5.86
C PRO A 114 -10.61 10.17 6.53
N LEU A 115 -11.05 11.20 5.86
N LEU A 115 -11.05 11.20 5.86
CA LEU A 115 -11.05 12.50 6.42
CA LEU A 115 -11.07 12.51 6.40
C LEU A 115 -12.38 12.75 7.09
C LEU A 115 -12.42 12.74 7.06
N GLY A 116 -13.34 13.18 6.29
N GLY A 116 -12.45 12.57 8.37
CA GLY A 116 -14.62 13.53 6.84
CA GLY A 116 -13.63 12.79 9.18
C GLY A 116 -15.06 14.96 6.58
C GLY A 116 -14.55 11.60 9.16
N HIS B 5 6.56 -18.86 9.79
CA HIS B 5 5.29 -19.13 9.16
C HIS B 5 5.52 -19.33 7.69
N ILE B 6 4.47 -19.20 6.90
CA ILE B 6 4.58 -19.29 5.47
C ILE B 6 4.40 -17.90 4.85
N VAL B 7 5.42 -17.41 4.17
CA VAL B 7 5.42 -16.07 3.63
C VAL B 7 5.01 -16.00 2.15
N PRO B 8 3.99 -15.23 1.84
CA PRO B 8 3.64 -14.99 0.45
C PRO B 8 4.68 -14.10 -0.22
N CYS B 9 5.14 -14.50 -1.40
CA CYS B 9 6.22 -13.79 -2.07
C CYS B 9 5.99 -13.59 -3.56
N THR B 10 6.73 -12.68 -4.14
CA THR B 10 6.88 -12.61 -5.56
C THR B 10 8.15 -13.38 -5.93
N ILE B 11 8.23 -13.81 -7.17
CA ILE B 11 9.45 -14.39 -7.68
C ILE B 11 10.63 -13.43 -7.57
N SER B 12 10.41 -12.17 -7.88
CA SER B 12 11.42 -11.15 -7.66
C SER B 12 11.96 -11.12 -6.23
N GLN B 13 11.12 -11.33 -5.25
CA GLN B 13 11.57 -11.35 -3.87
C GLN B 13 12.41 -12.58 -3.57
N LEU B 14 12.01 -13.70 -4.13
CA LEU B 14 12.74 -14.93 -3.96
C LEU B 14 14.12 -14.85 -4.56
N LEU B 15 14.24 -14.26 -5.73
CA LEU B 15 15.52 -14.03 -6.37
C LEU B 15 16.43 -13.11 -5.60
N SER B 16 15.85 -12.24 -4.87
N SER B 16 15.84 -12.22 -4.84
CA SER B 16 16.57 -11.28 -4.10
CA SER B 16 16.54 -11.27 -4.01
C SER B 16 17.11 -11.83 -2.77
C SER B 16 17.12 -11.84 -2.75
N ALA B 17 16.67 -13.03 -2.41
CA ALA B 17 17.07 -13.61 -1.12
C ALA B 17 18.57 -13.92 -1.08
N THR B 18 19.19 -13.66 0.05
CA THR B 18 20.60 -14.01 0.25
C THR B 18 20.69 -15.37 0.90
N LEU B 19 21.74 -16.11 0.55
CA LEU B 19 21.96 -17.44 1.09
C LEU B 19 23.28 -17.49 1.86
N VAL B 20 23.19 -17.52 3.18
CA VAL B 20 24.38 -17.57 4.01
C VAL B 20 24.32 -18.72 4.99
N ASP B 21 25.17 -19.72 4.78
CA ASP B 21 25.23 -20.89 5.65
C ASP B 21 23.89 -21.62 5.72
N GLU B 22 23.44 -22.11 4.56
CA GLU B 22 22.23 -22.93 4.48
C GLU B 22 20.97 -22.16 4.86
N VAL B 23 21.05 -20.83 4.93
CA VAL B 23 19.89 -20.04 5.35
C VAL B 23 19.57 -18.90 4.39
N PHE B 24 18.33 -18.85 3.93
CA PHE B 24 17.87 -17.78 3.06
C PHE B 24 17.30 -16.64 3.86
N ARG B 25 17.59 -15.43 3.47
CA ARG B 25 17.03 -14.25 4.10
C ARG B 25 16.58 -13.21 3.09
N ILE B 26 15.48 -12.55 3.39
CA ILE B 26 15.15 -11.30 2.74
C ILE B 26 15.27 -10.24 3.84
N GLY B 27 16.43 -9.59 3.92
CA GLY B 27 16.67 -8.68 5.01
C GLY B 27 17.41 -9.33 6.14
N ASN B 28 16.74 -9.46 7.25
CA ASN B 28 17.31 -10.17 8.37
C ASN B 28 16.36 -11.26 8.73
N VAL B 29 15.40 -11.45 7.85
CA VAL B 29 14.36 -12.44 8.04
C VAL B 29 14.59 -13.75 7.32
N GLU B 30 14.77 -14.80 8.10
CA GLU B 30 14.86 -16.14 7.59
C GLU B 30 13.60 -16.42 6.81
N ILE B 31 13.73 -16.95 5.60
CA ILE B 31 12.58 -17.49 4.93
C ILE B 31 12.87 -18.88 4.44
N SER B 32 11.90 -19.74 4.51
CA SER B 32 12.01 -21.02 3.90
C SER B 32 10.73 -21.42 3.22
N GLN B 33 9.66 -21.49 3.97
CA GLN B 33 8.38 -21.85 3.44
C GLN B 33 7.63 -20.66 2.87
N VAL B 34 7.20 -20.75 1.63
CA VAL B 34 6.63 -19.59 0.93
C VAL B 34 5.48 -19.99 0.03
N THR B 35 4.69 -19.01 -0.39
CA THR B 35 3.69 -19.20 -1.43
C THR B 35 3.96 -18.24 -2.55
N ILE B 36 3.73 -18.68 -3.77
CA ILE B 36 3.71 -17.79 -4.91
C ILE B 36 2.45 -18.10 -5.72
N VAL B 37 2.06 -17.16 -6.56
CA VAL B 37 0.96 -17.35 -7.48
C VAL B 37 1.43 -16.93 -8.84
N GLY B 38 1.21 -17.76 -9.84
CA GLY B 38 1.72 -17.44 -11.16
C GLY B 38 1.14 -18.35 -12.22
N ILE B 39 1.52 -18.09 -13.47
CA ILE B 39 0.97 -18.88 -14.56
C ILE B 39 2.02 -19.88 -15.04
N ILE B 40 1.56 -21.09 -15.32
CA ILE B 40 2.46 -22.13 -15.82
C ILE B 40 2.83 -21.83 -17.28
N ARG B 41 4.10 -21.69 -17.56
CA ARG B 41 4.57 -21.46 -18.90
C ARG B 41 5.08 -22.73 -19.56
N HIS B 42 5.37 -23.73 -18.76
CA HIS B 42 5.95 -24.97 -19.23
C HIS B 42 5.83 -26.04 -18.18
N ALA B 43 5.67 -27.28 -18.60
CA ALA B 43 5.66 -28.42 -17.72
C ALA B 43 6.42 -29.58 -18.32
N GLU B 44 7.39 -30.06 -17.57
N GLU B 44 7.55 -30.01 -17.69
CA GLU B 44 8.29 -31.11 -17.98
CA GLU B 44 8.24 -31.20 -18.11
C GLU B 44 8.02 -32.31 -17.13
C GLU B 44 8.00 -32.31 -17.15
N LYS B 45 7.35 -33.32 -17.66
CA LYS B 45 6.99 -34.48 -16.85
C LYS B 45 8.06 -35.58 -16.83
N ALA B 46 8.32 -36.10 -15.63
CA ALA B 46 9.17 -37.28 -15.43
C ALA B 46 8.41 -38.28 -14.56
N PRO B 47 8.89 -39.53 -14.47
CA PRO B 47 8.13 -40.53 -13.71
C PRO B 47 7.86 -40.14 -12.27
N THR B 48 8.87 -39.62 -11.59
CA THR B 48 8.77 -39.35 -10.16
C THR B 48 8.45 -37.89 -9.81
N ASN B 49 8.59 -36.99 -10.78
CA ASN B 49 8.32 -35.57 -10.50
C ASN B 49 7.98 -34.74 -11.73
N ILE B 50 7.39 -33.56 -11.50
CA ILE B 50 7.13 -32.60 -12.56
C ILE B 50 7.88 -31.29 -12.26
N VAL B 51 8.56 -30.74 -13.25
CA VAL B 51 9.11 -29.39 -13.11
C VAL B 51 8.28 -28.40 -13.94
N TYR B 52 7.64 -27.45 -13.25
CA TYR B 52 6.89 -26.38 -13.89
C TYR B 52 7.74 -25.12 -13.96
N LYS B 53 7.61 -24.37 -15.04
CA LYS B 53 8.11 -23.02 -15.09
C LYS B 53 6.97 -22.05 -14.81
N ILE B 54 7.06 -21.31 -13.73
CA ILE B 54 5.98 -20.49 -13.25
C ILE B 54 6.34 -19.01 -13.30
N ASP B 55 5.46 -18.21 -13.85
CA ASP B 55 5.68 -16.81 -14.15
C ASP B 55 4.71 -15.91 -13.41
N ASP B 56 5.20 -15.03 -12.57
CA ASP B 56 4.31 -14.10 -11.91
C ASP B 56 4.46 -12.67 -12.39
N THR B 58 6.99 -10.73 -12.29
CA THR B 58 7.91 -9.90 -11.54
C THR B 58 9.34 -10.07 -11.98
N ALA B 59 9.59 -11.16 -12.66
CA ALA B 59 10.89 -11.51 -13.15
C ALA B 59 10.79 -12.65 -14.16
N ALA B 60 11.92 -13.24 -14.53
CA ALA B 60 11.85 -14.46 -15.35
C ALA B 60 11.10 -15.53 -14.58
N PRO B 61 10.49 -16.49 -15.29
CA PRO B 61 9.79 -17.60 -14.63
C PRO B 61 10.73 -18.45 -13.75
N ASP B 63 11.68 -22.18 -11.79
CA ASP B 63 11.42 -23.62 -11.73
C ASP B 63 10.80 -24.00 -10.42
N VAL B 64 9.76 -24.82 -10.50
CA VAL B 64 9.10 -25.38 -9.34
C VAL B 64 8.98 -26.89 -9.54
N ARG B 65 9.61 -27.66 -8.66
N ARG B 65 9.63 -27.66 -8.69
CA ARG B 65 9.58 -29.12 -8.74
CA ARG B 65 9.54 -29.12 -8.78
C ARG B 65 8.50 -29.67 -7.80
C ARG B 65 8.48 -29.65 -7.82
N GLN B 66 7.63 -30.52 -8.33
CA GLN B 66 6.66 -31.21 -7.49
C GLN B 66 6.91 -32.72 -7.58
N TRP B 67 6.98 -33.38 -6.42
CA TRP B 67 7.26 -34.80 -6.42
C TRP B 67 5.98 -35.60 -6.57
N VAL B 68 5.99 -36.53 -7.52
CA VAL B 68 4.84 -37.36 -7.83
C VAL B 68 4.97 -38.76 -7.24
N THR B 78 -2.10 -35.94 -14.88
CA THR B 78 -2.22 -35.20 -13.62
C THR B 78 -1.46 -33.86 -13.68
N VAL B 79 -0.70 -33.67 -14.75
CA VAL B 79 0.04 -32.43 -14.97
C VAL B 79 -0.90 -31.24 -15.21
N VAL B 80 -0.67 -30.13 -14.51
CA VAL B 80 -1.46 -28.93 -14.77
C VAL B 80 -1.04 -28.36 -16.13
N PRO B 81 -2.01 -28.09 -17.00
CA PRO B 81 -1.78 -27.58 -18.36
C PRO B 81 -1.15 -26.17 -18.36
N PRO B 82 -0.24 -25.91 -19.31
CA PRO B 82 0.30 -24.55 -19.39
C PRO B 82 -0.80 -23.49 -19.58
N GLU B 83 -0.50 -22.26 -19.18
CA GLU B 83 -1.43 -21.13 -19.26
C GLU B 83 -2.48 -21.23 -18.17
N THR B 84 -2.18 -22.02 -17.15
CA THR B 84 -3.06 -22.09 -15.99
C THR B 84 -2.42 -21.35 -14.84
N TYR B 85 -3.21 -20.52 -14.17
CA TYR B 85 -2.79 -19.86 -12.96
C TYR B 85 -2.90 -20.79 -11.76
N VAL B 86 -1.84 -20.85 -10.97
CA VAL B 86 -1.79 -21.72 -9.80
C VAL B 86 -1.26 -20.98 -8.58
N LYS B 87 -1.61 -21.47 -7.41
N LYS B 87 -1.61 -21.47 -7.41
CA LYS B 87 -0.92 -21.08 -6.22
CA LYS B 87 -0.92 -21.08 -6.22
C LYS B 87 0.01 -22.21 -5.83
C LYS B 87 0.01 -22.21 -5.83
N VAL B 88 1.22 -21.88 -5.45
CA VAL B 88 2.23 -22.88 -5.06
C VAL B 88 2.63 -22.68 -3.60
N ALA B 89 2.63 -23.77 -2.84
CA ALA B 89 3.21 -23.73 -1.50
C ALA B 89 4.44 -24.61 -1.53
N GLY B 90 5.58 -24.10 -1.08
CA GLY B 90 6.81 -24.87 -1.16
C GLY B 90 7.96 -24.24 -0.39
N HIS B 91 9.14 -24.78 -0.60
CA HIS B 91 10.32 -24.32 0.09
C HIS B 91 11.31 -23.81 -0.91
N LEU B 92 11.97 -22.72 -0.58
CA LEU B 92 12.99 -22.17 -1.44
C LEU B 92 14.24 -23.05 -1.37
N ARG B 93 14.86 -23.30 -2.51
CA ARG B 93 16.10 -24.10 -2.57
C ARG B 93 17.01 -23.43 -3.58
N SER B 94 18.30 -23.77 -3.53
CA SER B 94 19.26 -23.19 -4.48
C SER B 94 20.34 -24.21 -4.84
N PHE B 95 20.88 -24.10 -6.05
CA PHE B 95 21.97 -24.97 -6.49
C PHE B 95 22.79 -24.25 -7.55
N GLN B 96 24.09 -24.08 -7.29
CA GLN B 96 24.96 -23.29 -8.15
C GLN B 96 24.38 -21.90 -8.35
N ASN B 97 23.87 -21.32 -7.27
CA ASN B 97 23.27 -19.97 -7.31
C ASN B 97 22.02 -19.78 -8.15
N LYS B 98 21.39 -20.88 -8.57
CA LYS B 98 20.10 -20.78 -9.24
C LYS B 98 19.00 -21.19 -8.26
N LYS B 99 18.13 -20.24 -7.94
CA LYS B 99 17.00 -20.50 -7.04
C LYS B 99 15.87 -21.23 -7.75
N SER B 100 15.15 -22.06 -6.98
CA SER B 100 13.93 -22.72 -7.45
C SER B 100 13.09 -23.11 -6.26
N LEU B 101 11.88 -23.60 -6.50
N LEU B 101 11.88 -23.61 -6.51
CA LEU B 101 11.04 -24.07 -5.42
CA LEU B 101 11.02 -24.09 -5.44
C LEU B 101 10.81 -25.57 -5.49
C LEU B 101 10.82 -25.60 -5.50
N VAL B 102 10.65 -26.20 -4.34
CA VAL B 102 10.18 -27.56 -4.27
C VAL B 102 8.79 -27.42 -3.65
N ALA B 103 7.76 -27.76 -4.41
CA ALA B 103 6.38 -27.53 -3.97
C ALA B 103 5.78 -28.71 -3.22
N PHE B 104 5.13 -28.45 -2.09
CA PHE B 104 4.26 -29.48 -1.50
C PHE B 104 2.79 -29.33 -1.91
N LYS B 105 2.44 -28.16 -2.45
CA LYS B 105 1.10 -27.95 -3.03
C LYS B 105 1.19 -27.13 -4.31
N ILE B 106 0.53 -27.61 -5.36
CA ILE B 106 0.29 -26.81 -6.56
C ILE B 106 -1.22 -26.84 -6.82
N PRO B 108 -4.34 -25.14 -8.86
CA PRO B 108 -4.92 -24.26 -9.87
C PRO B 108 -5.99 -23.40 -9.18
N LEU B 109 -6.05 -22.12 -9.53
CA LEU B 109 -7.01 -21.22 -8.90
C LEU B 109 -8.37 -21.39 -9.56
N GLU B 110 -9.40 -21.61 -8.75
CA GLU B 110 -10.77 -21.64 -9.25
C GLU B 110 -11.30 -20.21 -9.36
N ASP B 111 -10.95 -19.40 -8.37
CA ASP B 111 -11.42 -18.02 -8.29
C ASP B 111 -10.22 -17.11 -8.59
N ASN B 113 -9.95 -14.07 -8.29
CA ASN B 113 -9.76 -13.06 -7.25
C ASN B 113 -8.72 -13.46 -6.20
N GLU B 114 -8.41 -14.75 -6.10
N GLU B 114 -8.43 -14.77 -6.10
CA GLU B 114 -7.38 -15.19 -5.16
CA GLU B 114 -7.40 -15.26 -5.20
C GLU B 114 -6.00 -14.74 -5.67
C GLU B 114 -6.04 -14.73 -5.66
N PHE B 115 -5.90 -14.58 -6.98
CA PHE B 115 -4.67 -14.04 -7.56
C PHE B 115 -4.48 -12.56 -7.13
N THR B 116 -5.52 -11.76 -7.23
CA THR B 116 -5.47 -10.37 -6.79
C THR B 116 -5.15 -10.27 -5.31
N THR B 117 -5.86 -11.05 -4.50
CA THR B 117 -5.64 -11.15 -3.06
C THR B 117 -4.18 -11.47 -2.69
N HIS B 118 -3.57 -12.38 -3.45
CA HIS B 118 -2.16 -12.71 -3.19
C HIS B 118 -1.24 -11.49 -3.32
N ILE B 119 -1.51 -10.64 -4.31
CA ILE B 119 -0.73 -9.42 -4.49
C ILE B 119 -0.73 -8.60 -3.21
N LEU B 120 -1.92 -8.41 -2.65
CA LEU B 120 -2.11 -7.63 -1.43
C LEU B 120 -1.48 -8.32 -0.21
N GLU B 121 -1.60 -9.64 -0.15
CA GLU B 121 -0.99 -10.39 0.95
C GLU B 121 0.53 -10.30 0.88
N VAL B 122 1.08 -10.37 -0.32
CA VAL B 122 2.53 -10.18 -0.47
C VAL B 122 2.97 -8.83 0.08
N ILE B 123 2.27 -7.78 -0.34
CA ILE B 123 2.71 -6.44 0.02
C ILE B 123 2.61 -6.27 1.54
N ASN B 124 1.50 -6.70 2.12
CA ASN B 124 1.33 -6.61 3.56
C ASN B 124 2.33 -7.44 4.36
N ALA B 125 2.56 -8.68 3.93
CA ALA B 125 3.49 -9.53 4.65
C ALA B 125 4.88 -8.93 4.68
N HIS B 126 5.32 -8.33 3.58
CA HIS B 126 6.70 -7.89 3.49
C HIS B 126 6.90 -6.56 4.20
N VAL B 128 5.25 -5.83 7.04
CA VAL B 128 5.36 -6.30 8.40
C VAL B 128 6.74 -6.90 8.73
N LEU B 129 7.27 -7.71 7.82
CA LEU B 129 8.56 -8.35 8.08
C LEU B 129 9.73 -7.36 8.01
N SER B 130 9.55 -6.29 7.26
CA SER B 130 10.62 -5.31 7.06
C SER B 130 10.95 -4.57 8.36
N LYS B 131 9.99 -4.50 9.27
CA LYS B 131 10.18 -3.80 10.54
C LYS B 131 10.83 -4.69 11.58
N ALA B 132 10.63 -6.00 11.44
CA ALA B 132 11.28 -6.98 12.29
C ALA B 132 12.66 -7.33 11.74
N SER C 1 13.02 -10.03 -31.78
CA SER C 1 13.17 -9.10 -30.70
C SER C 1 13.53 -9.81 -29.42
N VAL C 2 13.76 -9.05 -28.36
CA VAL C 2 14.15 -9.62 -27.08
C VAL C 2 12.99 -10.40 -26.54
N ASP C 3 13.27 -11.44 -25.78
CA ASP C 3 12.20 -12.17 -25.15
C ASP C 3 11.75 -11.51 -23.85
N ASP C 6 11.24 -13.18 -20.27
CA ASP C 6 12.36 -13.28 -19.35
C ASP C 6 12.70 -11.95 -18.67
N LEU C 7 11.86 -10.93 -18.85
CA LEU C 7 12.06 -9.64 -18.19
C LEU C 7 10.92 -9.41 -17.18
N PRO C 8 11.12 -8.49 -16.23
CA PRO C 8 9.97 -8.05 -15.43
C PRO C 8 8.97 -7.31 -16.32
N ARG C 9 7.68 -7.56 -16.13
CA ARG C 9 6.66 -6.82 -16.83
C ARG C 9 5.77 -6.17 -15.77
N SER C 10 5.56 -4.87 -15.91
CA SER C 10 4.82 -4.12 -14.90
C SER C 10 3.31 -4.22 -15.12
N ARG C 11 2.58 -4.49 -14.04
CA ARG C 11 1.12 -4.47 -14.07
C ARG C 11 0.65 -3.03 -13.98
N ILE C 12 -0.07 -2.58 -15.00
CA ILE C 12 -0.44 -1.17 -15.09
C ILE C 12 -1.91 -1.08 -15.44
N ASN C 13 -2.42 0.15 -15.41
CA ASN C 13 -3.75 0.42 -15.95
C ASN C 13 -3.61 1.44 -17.08
N ALA C 14 -4.73 1.84 -17.69
CA ALA C 14 -4.64 2.66 -18.89
C ALA C 14 -4.08 4.05 -18.60
N GLY C 15 -4.37 4.56 -17.41
CA GLY C 15 -3.86 5.87 -17.01
C GLY C 15 -2.34 5.91 -16.90
N LEU C 17 -0.34 4.20 -19.16
CA LEU C 17 0.28 3.81 -20.43
C LEU C 17 1.29 4.84 -20.95
N ALA C 18 0.96 6.12 -20.82
CA ALA C 18 1.82 7.17 -21.34
C ALA C 18 3.13 7.21 -20.55
N GLN C 19 3.05 6.93 -19.25
N GLN C 19 3.05 6.93 -19.24
CA GLN C 19 4.24 6.88 -18.42
CA GLN C 19 4.25 6.89 -18.42
C GLN C 19 5.11 5.65 -18.70
C GLN C 19 5.04 5.58 -18.55
N PHE C 20 4.53 4.62 -19.32
CA PHE C 20 5.26 3.34 -19.56
C PHE C 20 5.65 3.07 -21.02
N ILE C 21 5.75 4.13 -21.82
CA ILE C 21 6.17 3.99 -23.22
C ILE C 21 7.44 3.18 -23.32
N ASP C 22 7.42 2.19 -24.22
CA ASP C 22 8.57 1.34 -24.52
C ASP C 22 8.94 0.33 -23.42
N LYS C 23 8.11 0.24 -22.39
CA LYS C 23 8.34 -0.68 -21.30
C LYS C 23 7.52 -1.98 -21.42
N PRO C 24 8.10 -3.12 -20.98
CA PRO C 24 7.31 -4.37 -20.93
C PRO C 24 6.23 -4.24 -19.86
N VAL C 25 5.00 -4.59 -20.21
CA VAL C 25 3.89 -4.45 -19.29
C VAL C 25 2.95 -5.65 -19.31
N CYS C 26 2.09 -5.68 -18.31
CA CYS C 26 1.04 -6.67 -18.22
C CYS C 26 -0.24 -5.87 -17.93
N PHE C 27 -1.19 -5.93 -18.86
CA PHE C 27 -2.40 -5.11 -18.78
C PHE C 27 -3.64 -6.01 -18.70
N VAL C 28 -4.38 -5.90 -17.61
CA VAL C 28 -5.57 -6.75 -17.40
C VAL C 28 -6.80 -5.86 -17.59
N GLY C 29 -7.74 -6.29 -18.42
CA GLY C 29 -8.93 -5.48 -18.67
C GLY C 29 -10.05 -6.29 -19.31
N ARG C 30 -11.22 -5.65 -19.44
CA ARG C 30 -12.38 -6.27 -20.05
C ARG C 30 -12.39 -6.00 -21.56
N LEU C 31 -12.56 -7.05 -22.34
CA LEU C 31 -12.64 -6.90 -23.78
C LEU C 31 -13.86 -6.05 -24.14
N GLU C 32 -13.62 -4.98 -24.91
CA GLU C 32 -14.65 -4.04 -25.28
C GLU C 32 -15.02 -4.18 -26.74
N LYS C 33 -14.04 -4.49 -27.58
CA LYS C 33 -14.25 -4.48 -29.01
C LYS C 33 -13.05 -5.06 -29.73
N ILE C 34 -13.32 -5.84 -30.74
CA ILE C 34 -12.29 -6.35 -31.59
C ILE C 34 -12.38 -5.69 -32.95
N HIS C 35 -11.28 -5.18 -33.45
CA HIS C 35 -11.19 -4.63 -34.78
C HIS C 35 -11.42 -5.69 -35.86
N PRO C 36 -12.12 -5.31 -36.91
CA PRO C 36 -12.50 -6.23 -37.99
C PRO C 36 -11.37 -7.02 -38.56
N THR C 37 -10.16 -6.49 -38.54
CA THR C 37 -9.02 -7.24 -39.02
C THR C 37 -8.57 -8.29 -38.05
N GLY C 38 -9.06 -8.20 -36.82
CA GLY C 38 -8.64 -9.10 -35.78
C GLY C 38 -7.22 -8.87 -35.32
N LYS C 39 -6.69 -7.69 -35.57
CA LYS C 39 -5.31 -7.41 -35.29
C LYS C 39 -5.21 -6.31 -34.31
N PHE C 41 -7.53 -4.86 -30.61
CA PHE C 41 -8.65 -4.93 -29.71
C PHE C 41 -8.50 -3.97 -28.57
N ILE C 42 -9.62 -3.68 -27.95
CA ILE C 42 -9.70 -2.73 -26.85
C ILE C 42 -10.05 -3.44 -25.54
N LEU C 43 -9.34 -3.07 -24.48
CA LEU C 43 -9.63 -3.54 -23.13
C LEU C 43 -9.87 -2.34 -22.26
N SER C 44 -10.82 -2.45 -21.33
CA SER C 44 -11.07 -1.41 -20.36
C SER C 44 -10.58 -1.89 -19.02
N ASP C 45 -9.91 -1.00 -18.29
CA ASP C 45 -9.35 -1.34 -17.00
C ASP C 45 -10.38 -1.20 -15.89
N GLY C 46 -9.96 -1.37 -14.64
CA GLY C 46 -10.87 -1.32 -13.52
C GLY C 46 -11.33 0.07 -13.14
N GLU C 47 -10.88 1.07 -13.90
CA GLU C 47 -11.34 2.45 -13.77
C GLU C 47 -12.18 2.82 -14.98
N GLY C 48 -12.47 1.85 -15.83
CA GLY C 48 -13.25 2.08 -17.03
C GLY C 48 -12.54 2.86 -18.12
N LYS C 49 -11.24 2.96 -18.07
CA LYS C 49 -10.49 3.62 -19.12
C LYS C 49 -9.93 2.62 -20.11
N ASN C 50 -9.91 2.98 -21.39
CA ASN C 50 -9.53 2.05 -22.44
C ASN C 50 -8.04 2.00 -22.75
N GLY C 51 -7.56 0.81 -23.14
CA GLY C 51 -6.24 0.64 -23.70
C GLY C 51 -6.34 -0.12 -25.00
N THR C 52 -5.54 0.27 -25.99
N THR C 52 -5.58 0.28 -26.02
CA THR C 52 -5.55 -0.37 -27.30
CA THR C 52 -5.64 -0.41 -27.31
C THR C 52 -4.45 -1.42 -27.41
C THR C 52 -4.49 -1.39 -27.49
N ILE C 53 -4.83 -2.62 -27.84
CA ILE C 53 -3.89 -3.72 -27.94
C ILE C 53 -3.69 -4.05 -29.41
N GLU C 54 -2.44 -4.12 -29.85
CA GLU C 54 -2.17 -4.48 -31.24
C GLU C 54 -1.50 -5.83 -31.33
N LEU C 55 -1.79 -6.56 -32.41
CA LEU C 55 -1.18 -7.83 -32.64
C LEU C 55 -0.43 -7.79 -33.96
N GLU C 57 -0.22 -10.62 -35.82
CA GLU C 57 -1.08 -11.49 -36.64
C GLU C 57 -2.52 -11.43 -36.12
N PRO C 58 -3.49 -11.84 -36.95
CA PRO C 58 -4.88 -11.77 -36.52
C PRO C 58 -5.20 -12.78 -35.41
N LEU C 59 -6.11 -12.42 -34.51
CA LEU C 59 -6.59 -13.35 -33.50
C LEU C 59 -7.06 -14.62 -34.17
N ASP C 60 -6.67 -15.77 -33.60
CA ASP C 60 -7.10 -17.05 -34.15
C ASP C 60 -8.14 -17.70 -33.25
N GLU C 61 -8.81 -16.88 -32.44
CA GLU C 61 -9.90 -17.32 -31.59
C GLU C 61 -10.71 -16.11 -31.12
N GLU C 62 -11.97 -16.34 -30.79
N GLU C 62 -11.87 -16.35 -30.81
CA GLU C 62 -12.82 -15.26 -30.31
CA GLU C 62 -12.73 -15.27 -30.33
C GLU C 62 -12.54 -15.09 -28.83
C GLU C 62 -12.44 -15.10 -28.85
N ILE C 63 -12.14 -13.90 -28.42
CA ILE C 63 -11.86 -13.66 -27.02
C ILE C 63 -12.95 -12.79 -26.42
N SER C 64 -13.15 -12.90 -25.12
CA SER C 64 -14.17 -12.13 -24.43
C SER C 64 -13.86 -12.13 -22.95
N GLY C 65 -14.58 -11.32 -22.19
CA GLY C 65 -14.45 -11.28 -20.76
C GLY C 65 -13.17 -10.57 -20.33
N ILE C 66 -12.56 -11.06 -19.26
CA ILE C 66 -11.33 -10.46 -18.76
C ILE C 66 -10.14 -11.10 -19.45
N VAL C 67 -9.27 -10.25 -19.98
CA VAL C 67 -8.10 -10.70 -20.73
C VAL C 67 -6.83 -10.06 -20.18
N GLU C 68 -5.78 -10.86 -20.02
CA GLU C 68 -4.49 -10.37 -19.55
C GLU C 68 -3.52 -10.38 -20.72
N VAL C 69 -2.99 -9.21 -21.05
CA VAL C 69 -2.10 -9.05 -22.18
C VAL C 69 -0.70 -8.74 -21.66
N VAL C 70 0.29 -9.41 -22.22
CA VAL C 70 1.69 -9.03 -22.02
C VAL C 70 2.22 -8.46 -23.33
N GLY C 71 2.93 -7.34 -23.24
CA GLY C 71 3.59 -6.80 -24.41
C GLY C 71 4.42 -5.57 -24.06
N ARG C 72 4.81 -4.82 -25.08
CA ARG C 72 5.60 -3.61 -24.87
C ARG C 72 4.76 -2.43 -25.31
N VAL C 73 4.72 -1.39 -24.47
CA VAL C 73 3.99 -0.19 -24.80
C VAL C 73 4.70 0.50 -25.98
N THR C 74 3.95 0.83 -27.03
CA THR C 74 4.50 1.44 -28.24
C THR C 74 4.66 2.96 -28.10
N ALA C 75 5.24 3.59 -29.12
CA ALA C 75 5.37 5.04 -29.11
C ALA C 75 4.00 5.73 -29.00
N LYS C 76 2.96 5.07 -29.51
CA LYS C 76 1.61 5.59 -29.50
C LYS C 76 0.85 5.36 -28.18
N ALA C 77 1.50 4.72 -27.22
CA ALA C 77 0.85 4.34 -25.96
C ALA C 77 -0.26 3.33 -26.16
N THR C 78 -0.11 2.51 -27.19
CA THR C 78 -0.85 1.26 -27.33
C THR C 78 0.05 0.14 -26.80
N ILE C 79 -0.46 -1.06 -26.73
CA ILE C 79 0.40 -2.19 -26.38
C ILE C 79 0.56 -3.14 -27.54
N LEU C 80 1.81 -3.39 -27.94
CA LEU C 80 2.08 -4.45 -28.91
C LEU C 80 2.14 -5.80 -28.17
N CYS C 81 1.10 -6.60 -28.35
CA CYS C 81 0.91 -7.83 -27.57
C CYS C 81 1.77 -8.99 -28.05
N THR C 82 2.51 -9.59 -27.14
CA THR C 82 3.26 -10.78 -27.47
C THR C 82 2.60 -12.05 -26.90
N SER C 83 1.73 -11.87 -25.93
CA SER C 83 0.89 -12.96 -25.49
C SER C 83 -0.22 -12.52 -24.58
N TYR C 84 -1.19 -13.40 -24.41
CA TYR C 84 -2.39 -13.08 -23.62
C TYR C 84 -3.08 -14.36 -23.15
N VAL C 85 -3.90 -14.23 -22.11
N VAL C 85 -3.89 -14.22 -22.10
CA VAL C 85 -4.75 -15.32 -21.66
CA VAL C 85 -4.71 -15.31 -21.60
C VAL C 85 -6.07 -14.75 -21.15
C VAL C 85 -6.05 -14.75 -21.14
N GLN C 86 -7.15 -15.49 -21.35
N GLN C 86 -7.12 -15.51 -21.35
CA GLN C 86 -8.44 -15.06 -20.85
CA GLN C 86 -8.44 -15.11 -20.84
C GLN C 86 -8.62 -15.58 -19.43
C GLN C 86 -8.58 -15.59 -19.40
N PHE C 87 -8.99 -14.70 -18.50
CA PHE C 87 -9.15 -15.10 -17.11
C PHE C 87 -10.40 -16.00 -16.99
N LYS C 88 -10.26 -17.10 -16.27
CA LYS C 88 -11.39 -17.97 -16.01
C LYS C 88 -12.36 -17.35 -15.02
N GLU C 89 -13.60 -17.28 -15.44
CA GLU C 89 -14.66 -16.66 -14.64
C GLU C 89 -15.88 -17.57 -14.49
N ASP C 90 -15.73 -18.85 -14.79
CA ASP C 90 -16.89 -19.73 -14.78
C ASP C 90 -17.39 -20.10 -13.38
N SER C 91 -16.60 -19.86 -12.34
CA SER C 91 -17.13 -20.07 -10.98
C SER C 91 -17.29 -18.77 -10.17
N HIS C 92 -16.44 -17.79 -10.48
CA HIS C 92 -16.48 -16.49 -9.79
C HIS C 92 -16.18 -15.38 -10.79
N PRO C 93 -16.99 -14.32 -10.78
CA PRO C 93 -16.68 -13.18 -11.65
C PRO C 93 -15.41 -12.52 -11.13
N PHE C 94 -14.56 -12.05 -12.03
CA PHE C 94 -13.35 -11.35 -11.62
C PHE C 94 -13.71 -9.91 -11.26
N ASP C 95 -13.27 -9.49 -10.08
CA ASP C 95 -13.48 -8.13 -9.59
C ASP C 95 -12.37 -7.22 -10.13
N LEU C 96 -12.62 -6.61 -11.29
CA LEU C 96 -11.62 -5.78 -11.94
C LEU C 96 -11.35 -4.48 -11.17
N GLY C 97 -12.35 -4.01 -10.43
CA GLY C 97 -12.18 -2.86 -9.58
C GLY C 97 -11.18 -3.10 -8.45
N LEU C 98 -11.30 -4.25 -7.79
CA LEU C 98 -10.33 -4.64 -6.74
C LEU C 98 -8.94 -4.81 -7.37
N TYR C 99 -8.90 -5.38 -8.55
CA TYR C 99 -7.61 -5.59 -9.25
C TYR C 99 -6.95 -4.20 -9.48
N ASN C 100 -7.75 -3.25 -9.93
CA ASN C 100 -7.24 -1.89 -10.11
C ASN C 100 -6.63 -1.31 -8.82
N GLU C 101 -7.28 -1.54 -7.68
CA GLU C 101 -6.72 -1.06 -6.43
C GLU C 101 -5.39 -1.75 -6.13
N ALA C 102 -5.28 -3.00 -6.51
CA ALA C 102 -4.03 -3.75 -6.33
C ALA C 102 -2.93 -3.19 -7.24
N VAL C 103 -3.29 -2.83 -8.46
CA VAL C 103 -2.33 -2.17 -9.34
C VAL C 103 -1.82 -0.88 -8.72
N LYS C 104 -2.72 -0.12 -8.11
CA LYS C 104 -2.33 1.14 -7.48
C LYS C 104 -1.42 0.89 -6.28
N ILE C 105 -1.72 -0.13 -5.52
CA ILE C 105 -0.93 -0.52 -4.40
C ILE C 105 0.49 -0.95 -4.81
N ILE C 106 0.58 -1.78 -5.82
CA ILE C 106 1.84 -2.21 -6.38
C ILE C 106 2.76 -1.01 -6.62
N HIS C 107 2.20 0.03 -7.21
CA HIS C 107 2.97 1.19 -7.57
C HIS C 107 3.26 2.17 -6.46
N ASP C 108 2.44 2.20 -5.44
CA ASP C 108 2.61 3.04 -4.30
C ASP C 108 3.49 2.40 -3.25
N PHE C 109 3.56 1.08 -3.21
CA PHE C 109 4.41 0.42 -2.23
C PHE C 109 5.47 -0.46 -2.92
N PRO C 110 6.22 0.10 -3.87
CA PRO C 110 7.14 -0.68 -4.72
C PRO C 110 8.21 -1.44 -3.94
N GLN C 111 8.57 -0.95 -2.76
CA GLN C 111 9.59 -1.64 -1.98
C GLN C 111 9.13 -3.05 -1.64
N PHE C 112 7.82 -3.27 -1.64
CA PHE C 112 7.27 -4.53 -1.16
C PHE C 112 6.70 -5.39 -2.28
N TYR C 113 6.92 -4.98 -3.52
CA TYR C 113 6.53 -5.69 -4.71
C TYR C 113 7.48 -5.31 -5.85
N PRO C 114 8.69 -5.79 -5.75
CA PRO C 114 9.77 -5.36 -6.59
C PRO C 114 9.66 -5.83 -8.03
N LEU C 115 9.98 -4.92 -8.90
CA LEU C 115 10.12 -5.19 -10.29
C LEU C 115 11.54 -5.65 -10.55
N GLY C 116 11.70 -6.97 -10.64
CA GLY C 116 12.96 -7.59 -10.93
C GLY C 116 13.84 -7.58 -9.71
N ILE C 117 15.09 -7.92 -9.89
CA ILE C 117 16.06 -8.05 -8.81
C ILE C 117 16.28 -6.85 -7.91
N VAL C 118 15.97 -7.00 -6.63
CA VAL C 118 16.24 -6.00 -5.60
C VAL C 118 15.88 -4.59 -6.03
N HIS D 5 -5.68 -10.43 15.50
CA HIS D 5 -4.54 -9.52 15.58
C HIS D 5 -4.94 -8.07 15.81
N ILE D 6 -3.95 -7.24 16.13
CA ILE D 6 -4.19 -5.83 16.40
C ILE D 6 -4.16 -5.03 15.08
N VAL D 7 -5.06 -4.06 14.95
CA VAL D 7 -5.22 -3.35 13.69
C VAL D 7 -4.89 -1.86 13.81
N PRO D 8 -3.96 -1.35 12.98
CA PRO D 8 -3.63 0.08 12.97
C PRO D 8 -4.82 0.86 12.41
N CYS D 9 -5.22 1.94 13.08
CA CYS D 9 -6.35 2.74 12.64
C CYS D 9 -6.10 4.25 12.75
N THR D 10 -6.96 5.02 12.09
CA THR D 10 -7.05 6.43 12.36
C THR D 10 -8.24 6.62 13.28
N ILE D 11 -8.24 7.74 13.99
CA ILE D 11 -9.35 8.12 14.84
C ILE D 11 -10.65 8.25 14.02
N SER D 12 -10.57 8.84 12.82
CA SER D 12 -11.76 8.90 11.96
C SER D 12 -12.35 7.52 11.73
N GLN D 13 -11.49 6.52 11.58
CA GLN D 13 -11.99 5.15 11.37
C GLN D 13 -12.70 4.63 12.64
N LEU D 14 -12.08 4.83 13.80
CA LEU D 14 -12.69 4.38 15.04
C LEU D 14 -14.06 5.04 15.26
N LEU D 15 -14.10 6.36 15.12
CA LEU D 15 -15.34 7.11 15.26
C LEU D 15 -16.44 6.59 14.35
N SER D 16 -16.06 6.02 13.21
N SER D 16 -16.05 6.01 13.22
CA SER D 16 -17.03 5.58 12.22
CA SER D 16 -16.99 5.56 12.20
C SER D 16 -17.39 4.10 12.34
C SER D 16 -17.49 4.14 12.46
N ALA D 17 -16.79 3.42 13.31
CA ALA D 17 -17.07 1.99 13.51
C ALA D 17 -18.53 1.77 13.88
N THR D 18 -19.11 0.71 13.35
CA THR D 18 -20.47 0.34 13.74
C THR D 18 -20.43 -0.74 14.82
N LEU D 19 -21.40 -0.70 15.70
CA LEU D 19 -21.57 -1.71 16.71
C LEU D 19 -22.86 -2.44 16.48
N VAL D 20 -22.76 -3.74 16.36
CA VAL D 20 -23.88 -4.58 16.03
C VAL D 20 -23.60 -5.94 16.57
N ASP D 21 -24.29 -6.33 17.62
CA ASP D 21 -24.10 -7.66 18.13
C ASP D 21 -22.85 -7.66 18.95
N GLU D 22 -22.43 -6.47 19.27
CA GLU D 22 -21.28 -6.27 20.11
C GLU D 22 -19.99 -6.65 19.43
N VAL D 23 -20.05 -6.70 18.11
CA VAL D 23 -18.85 -6.64 17.31
C VAL D 23 -18.78 -5.29 16.62
N PHE D 24 -17.62 -4.66 16.77
CA PHE D 24 -17.29 -3.41 16.12
C PHE D 24 -16.79 -3.71 14.72
N ARG D 25 -17.20 -2.91 13.75
N ARG D 25 -17.20 -2.92 13.74
CA ARG D 25 -16.70 -3.06 12.38
CA ARG D 25 -16.70 -3.07 12.38
C ARG D 25 -16.41 -1.72 11.72
C ARG D 25 -16.42 -1.73 11.71
N ILE D 26 -15.25 -1.63 11.08
CA ILE D 26 -14.91 -0.46 10.26
C ILE D 26 -15.02 -0.97 8.84
N GLY D 27 -16.12 -0.64 8.17
CA GLY D 27 -16.46 -1.35 6.94
C GLY D 27 -16.87 -2.76 7.34
N ASN D 28 -16.33 -3.72 6.61
CA ASN D 28 -16.48 -5.11 6.90
C ASN D 28 -15.41 -5.62 7.80
N VAL D 29 -14.50 -4.75 8.19
CA VAL D 29 -13.41 -5.17 9.02
C VAL D 29 -13.80 -5.17 10.50
N GLU D 30 -13.88 -6.34 11.08
CA GLU D 30 -14.13 -6.47 12.49
C GLU D 30 -12.91 -6.08 13.28
N ILE D 31 -13.08 -5.30 14.32
CA ILE D 31 -11.95 -4.84 15.06
C ILE D 31 -12.25 -4.73 16.56
N SER D 32 -11.22 -4.94 17.37
CA SER D 32 -11.33 -4.80 18.79
C SER D 32 -10.07 -4.17 19.32
N GLN D 33 -8.96 -4.87 19.18
CA GLN D 33 -7.71 -4.33 19.57
C GLN D 33 -7.11 -3.49 18.44
N VAL D 34 -6.76 -2.26 18.75
CA VAL D 34 -6.28 -1.34 17.75
C VAL D 34 -5.12 -0.52 18.23
N THR D 35 -4.38 0.05 17.29
N THR D 35 -4.43 0.08 17.28
CA THR D 35 -3.38 1.05 17.56
CA THR D 35 -3.39 1.05 17.59
C THR D 35 -3.65 2.38 16.83
C THR D 35 -3.64 2.35 16.84
N ILE D 36 -3.27 3.45 17.45
CA ILE D 36 -3.32 4.75 16.82
C ILE D 36 -2.04 5.50 17.16
N VAL D 37 -1.72 6.50 16.38
CA VAL D 37 -0.60 7.35 16.64
C VAL D 37 -1.06 8.81 16.60
N GLY D 38 -0.75 9.56 17.63
CA GLY D 38 -1.25 10.90 17.77
C GLY D 38 -0.50 11.80 18.71
N ILE D 39 -0.87 13.06 18.70
CA ILE D 39 -0.27 14.03 19.58
C ILE D 39 -1.22 14.35 20.72
N ILE D 40 -0.66 14.39 21.92
CA ILE D 40 -1.41 14.70 23.12
C ILE D 40 -1.75 16.18 23.18
N ARG D 41 -3.02 16.45 23.13
CA ARG D 41 -3.50 17.82 23.16
C ARG D 41 -3.74 18.24 24.59
N HIS D 42 -4.34 17.37 25.36
CA HIS D 42 -4.64 17.66 26.72
C HIS D 42 -4.43 16.46 27.60
N ALA D 43 -3.72 16.66 28.70
CA ALA D 43 -3.52 15.62 29.70
C ALA D 43 -4.15 15.98 31.05
N GLU D 44 -4.98 15.08 31.53
CA GLU D 44 -5.84 15.29 32.67
C GLU D 44 -5.55 14.33 33.83
N LYS D 45 -4.58 14.59 34.71
CA LYS D 45 -4.38 13.59 35.77
C LYS D 45 -5.39 13.64 36.90
N ALA D 46 -6.38 12.78 36.85
CA ALA D 46 -7.33 12.68 37.94
C ALA D 46 -6.80 11.67 38.95
N PRO D 47 -7.25 11.73 40.20
CA PRO D 47 -6.78 10.79 41.23
C PRO D 47 -6.96 9.32 40.82
N THR D 48 -7.98 9.01 40.05
CA THR D 48 -8.34 7.63 39.72
C THR D 48 -7.91 7.23 38.31
N ASN D 49 -7.54 8.22 37.50
CA ASN D 49 -7.01 7.90 36.18
C ASN D 49 -6.44 9.08 35.44
N ILE D 50 -5.80 8.76 34.32
CA ILE D 50 -5.28 9.74 33.43
C ILE D 50 -6.19 9.69 32.27
N VAL D 51 -6.49 10.84 31.72
CA VAL D 51 -7.23 10.86 30.50
C VAL D 51 -6.53 11.77 29.56
N TYR D 52 -6.39 11.27 28.35
CA TYR D 52 -5.68 11.99 27.36
C TYR D 52 -6.64 12.35 26.23
N LYS D 53 -6.43 13.50 25.64
CA LYS D 53 -7.06 13.85 24.40
C LYS D 53 -6.01 13.67 23.33
N ILE D 54 -6.20 12.68 22.49
CA ILE D 54 -5.25 12.36 21.45
C ILE D 54 -5.76 12.66 20.03
N ASP D 55 -4.94 13.37 19.28
CA ASP D 55 -5.24 13.95 17.99
C ASP D 55 -4.37 13.38 16.88
N ASP D 56 -4.95 12.73 15.90
CA ASP D 56 -4.20 12.31 14.73
C ASP D 56 -4.54 13.12 13.46
N THR D 58 -7.21 13.41 11.85
CA THR D 58 -8.23 12.88 10.95
C THR D 58 -9.64 13.19 11.45
N ALA D 59 -9.75 13.77 12.64
CA ALA D 59 -11.03 14.12 13.23
C ALA D 59 -10.73 14.93 14.48
N ALA D 60 -11.75 15.22 15.29
CA ALA D 60 -11.51 15.85 16.59
C ALA D 60 -10.68 14.86 17.41
N PRO D 61 -9.95 15.36 18.41
CA PRO D 61 -9.19 14.44 19.27
C PRO D 61 -10.10 13.42 19.95
N ASP D 63 -10.90 10.56 23.10
CA ASP D 63 -10.69 10.25 24.52
C ASP D 63 -9.91 8.94 24.71
N VAL D 64 -8.75 9.04 25.34
CA VAL D 64 -7.95 7.84 25.63
C VAL D 64 -7.70 7.75 27.13
N ARG D 65 -8.19 6.71 27.75
CA ARG D 65 -8.07 6.55 29.19
C ARG D 65 -7.24 5.38 29.68
N GLN D 66 -6.46 5.67 30.70
CA GLN D 66 -5.70 4.67 31.45
C GLN D 66 -6.05 4.70 32.94
N TRP D 67 -6.24 3.53 33.54
CA TRP D 67 -6.67 3.44 34.94
C TRP D 67 -5.52 3.40 35.96
N VAL D 68 -5.58 4.27 36.97
CA VAL D 68 -4.52 4.37 37.98
C VAL D 68 -5.00 3.90 39.36
N THR D 78 5.24 9.70 35.05
CA THR D 78 3.89 9.16 34.82
C THR D 78 3.18 9.80 33.61
N VAL D 79 2.41 10.85 33.86
CA VAL D 79 1.57 11.45 32.81
C VAL D 79 2.40 12.05 31.68
N VAL D 80 2.04 11.71 30.44
CA VAL D 80 2.74 12.21 29.26
C VAL D 80 2.36 13.66 29.01
N PRO D 81 3.37 14.52 28.79
CA PRO D 81 3.14 15.95 28.58
C PRO D 81 2.41 16.25 27.26
N PRO D 82 1.61 17.33 27.23
CA PRO D 82 0.93 17.66 25.97
C PRO D 82 1.92 18.04 24.87
N GLU D 83 1.50 17.91 23.62
CA GLU D 83 2.35 18.18 22.45
C GLU D 83 3.38 17.06 22.25
N THR D 84 3.08 15.91 22.84
CA THR D 84 3.93 14.73 22.69
C THR D 84 3.25 13.74 21.74
N TYR D 85 3.94 13.39 20.65
CA TYR D 85 3.45 12.28 19.81
C TYR D 85 3.66 10.95 20.53
N VAL D 86 2.60 10.16 20.59
CA VAL D 86 2.63 8.87 21.26
C VAL D 86 2.03 7.79 20.39
N LYS D 87 2.43 6.55 20.63
CA LYS D 87 1.73 5.42 20.06
C LYS D 87 0.82 4.81 21.11
N VAL D 88 -0.40 4.46 20.69
CA VAL D 88 -1.39 3.97 21.62
C VAL D 88 -1.90 2.61 21.19
N ALA D 89 -1.95 1.68 22.14
CA ALA D 89 -2.51 0.37 21.89
C ALA D 89 -3.59 0.12 22.93
N GLY D 90 -4.72 -0.38 22.49
CA GLY D 90 -5.83 -0.58 23.40
C GLY D 90 -7.05 -1.13 22.73
N HIS D 91 -8.19 -0.87 23.34
CA HIS D 91 -9.44 -1.45 22.89
C HIS D 91 -10.51 -0.40 22.67
N LEU D 92 -11.28 -0.60 21.60
CA LEU D 92 -12.36 0.30 21.27
C LEU D 92 -13.54 0.09 22.23
N ARG D 93 -13.97 1.17 22.87
CA ARG D 93 -15.11 1.14 23.77
C ARG D 93 -16.20 2.11 23.30
N SER D 94 -17.46 1.73 23.50
CA SER D 94 -18.56 2.64 23.20
C SER D 94 -19.57 2.72 24.34
N PHE D 95 -20.08 3.93 24.56
CA PHE D 95 -21.15 4.14 25.54
C PHE D 95 -22.07 5.27 25.07
N GLN D 96 -23.31 4.91 24.77
CA GLN D 96 -24.24 5.86 24.19
C GLN D 96 -23.66 6.40 22.89
N ASN D 97 -23.16 5.47 22.08
CA ASN D 97 -22.62 5.81 20.76
C ASN D 97 -21.48 6.83 20.80
N LYS D 98 -20.94 7.08 21.99
CA LYS D 98 -19.72 7.86 22.11
C LYS D 98 -18.54 6.91 22.21
N LYS D 99 -17.64 7.01 21.25
CA LYS D 99 -16.48 6.13 21.17
C LYS D 99 -15.35 6.61 22.07
N SER D 100 -14.58 5.66 22.60
CA SER D 100 -13.37 5.98 23.36
C SER D 100 -12.38 4.81 23.35
N LEU D 101 -11.19 5.08 23.82
CA LEU D 101 -10.15 4.07 23.81
C LEU D 101 -9.65 3.76 25.21
N VAL D 102 -9.75 2.50 25.60
CA VAL D 102 -9.09 2.03 26.80
C VAL D 102 -7.75 1.45 26.40
N ALA D 103 -6.69 2.10 26.86
CA ALA D 103 -5.34 1.83 26.39
C ALA D 103 -4.52 1.08 27.44
N PHE D 104 -3.83 0.02 27.02
CA PHE D 104 -2.91 -0.65 27.93
C PHE D 104 -1.49 -0.14 27.71
N LYS D 105 -1.32 0.61 26.62
CA LYS D 105 -0.02 1.18 26.28
C LYS D 105 -0.16 2.59 25.69
N ILE D 106 0.63 3.52 26.22
CA ILE D 106 0.77 4.84 25.65
C ILE D 106 2.25 5.17 25.72
N PRO D 108 5.47 7.43 24.28
CA PRO D 108 5.98 8.54 23.48
C PRO D 108 6.89 8.03 22.37
N LEU D 109 6.83 8.65 21.21
CA LEU D 109 7.70 8.24 20.11
C LEU D 109 9.09 8.83 20.29
N GLU D 110 10.11 8.01 20.10
CA GLU D 110 11.49 8.49 20.10
C GLU D 110 11.92 8.75 18.67
N ASP D 111 11.39 7.93 17.77
CA ASP D 111 11.70 8.02 16.36
C ASP D 111 10.45 8.49 15.61
N ASN D 113 9.83 8.80 12.65
CA ASN D 113 9.54 7.98 11.46
C ASN D 113 8.50 6.91 11.71
N GLU D 114 8.35 6.55 12.98
CA GLU D 114 7.37 5.56 13.38
C GLU D 114 5.97 6.16 13.18
N PHE D 115 5.89 7.48 13.20
CA PHE D 115 4.60 8.12 12.93
C PHE D 115 4.26 7.98 11.44
N THR D 116 5.24 8.20 10.57
CA THR D 116 5.01 8.06 9.14
C THR D 116 4.64 6.61 8.81
N THR D 117 5.37 5.70 9.44
CA THR D 117 5.15 4.28 9.25
C THR D 117 3.74 3.88 9.62
N HIS D 118 3.20 4.44 10.71
CA HIS D 118 1.84 4.10 11.11
C HIS D 118 0.81 4.44 10.01
N ILE D 119 1.02 5.56 9.34
CA ILE D 119 0.11 5.95 8.25
C ILE D 119 0.09 4.85 7.19
N LEU D 120 1.29 4.45 6.75
CA LEU D 120 1.41 3.39 5.75
C LEU D 120 0.78 2.09 6.24
N GLU D 121 0.97 1.79 7.52
CA GLU D 121 0.40 0.57 8.10
C GLU D 121 -1.11 0.56 8.13
N VAL D 122 -1.69 1.71 8.44
CA VAL D 122 -3.14 1.83 8.44
C VAL D 122 -3.68 1.50 7.05
N ILE D 123 -3.15 2.19 6.05
CA ILE D 123 -3.69 2.07 4.71
C ILE D 123 -3.49 0.65 4.20
N ASN D 124 -2.37 0.07 4.52
CA ASN D 124 -2.12 -1.26 4.08
C ASN D 124 -2.92 -2.36 4.76
N ALA D 125 -3.04 -2.29 6.06
CA ALA D 125 -3.88 -3.21 6.77
C ALA D 125 -5.33 -3.14 6.31
N HIS D 126 -5.88 -1.97 6.19
CA HIS D 126 -7.26 -1.86 5.80
C HIS D 126 -7.49 -2.29 4.36
N VAL D 128 -5.87 -4.70 2.85
CA VAL D 128 -5.78 -6.13 2.77
C VAL D 128 -6.88 -6.78 3.56
N LEU D 129 -7.40 -6.10 4.56
CA LEU D 129 -8.44 -6.66 5.38
C LEU D 129 -9.79 -6.43 4.77
N SER D 130 -9.98 -5.36 4.04
CA SER D 130 -11.29 -5.01 3.52
C SER D 130 -11.89 -6.07 2.62
N LYS D 131 -11.04 -6.93 2.13
CA LYS D 131 -11.40 -8.01 1.26
C LYS D 131 -10.39 -8.05 0.12
#